data_2YVT
#
_entry.id   2YVT
#
_cell.length_a   72.733
_cell.length_b   72.733
_cell.length_c   90.873
_cell.angle_alpha   90.00
_cell.angle_beta   90.00
_cell.angle_gamma   120.00
#
_symmetry.space_group_name_H-M   'P 31 2 1'
#
loop_
_entity.id
_entity.type
_entity.pdbx_description
1 polymer 'Hypothetical protein aq_1956'
2 water water
#
_entity_poly.entity_id   1
_entity_poly.type   'polypeptide(L)'
_entity_poly.pdbx_seq_one_letter_code
;MGI(MSE)PRKVLAIKNFKERFDLLPKLKGVIAEKQPDILVVVGNILKNEALEKEYERAHLARREPNRKVIHENEHYIIE
TLDKFFREIGELGVKTFVVPGKNDAPLKIFLRAAYEAETAYPNIRVLHEGFAGWRGEFEVIGFGGLLTEHEFEEDFVLKY
PRWYVEYILKFVNELKPRRLVTIFYTPPIGEFVDRTPEDPKHHGSAVVNTIIKSLNPEVAIVGHVGKGHELVGNTIVVNP
GEFEEGRYAFLDLTQHKIKLEQFS
;
_entity_poly.pdbx_strand_id   A
#
# COMPACT_ATOMS: atom_id res chain seq x y z
N PRO A 5 7.54 -5.46 -22.72
CA PRO A 5 7.76 -5.19 -21.29
C PRO A 5 6.46 -4.88 -20.56
N ARG A 6 6.46 -5.15 -19.27
CA ARG A 6 5.33 -4.88 -18.39
C ARG A 6 5.91 -4.10 -17.22
N LYS A 7 5.84 -2.78 -17.33
CA LYS A 7 6.60 -1.90 -16.46
C LYS A 7 5.73 -1.35 -15.34
N VAL A 8 6.26 -1.37 -14.13
CA VAL A 8 5.54 -0.92 -12.94
C VAL A 8 6.33 0.17 -12.24
N LEU A 9 5.68 1.31 -11.99
CA LEU A 9 6.28 2.35 -11.14
C LEU A 9 5.56 2.27 -9.80
N ALA A 10 6.30 2.09 -8.72
CA ALA A 10 5.69 1.98 -7.39
C ALA A 10 6.24 3.02 -6.42
N ILE A 11 5.34 3.59 -5.63
CA ILE A 11 5.72 4.45 -4.50
C ILE A 11 5.02 3.98 -3.23
N LYS A 12 5.50 4.44 -2.09
CA LYS A 12 4.86 4.16 -0.80
C LYS A 12 4.96 5.37 0.11
N ASN A 13 4.03 5.46 1.07
CA ASN A 13 3.97 6.58 2.00
C ASN A 13 3.87 7.92 1.27
N PHE A 14 2.85 8.05 0.44
CA PHE A 14 2.52 9.31 -0.22
C PHE A 14 2.40 10.44 0.81
N LYS A 15 1.72 10.15 1.92
CA LYS A 15 1.65 11.06 3.08
C LYS A 15 1.34 12.50 2.70
N GLU A 16 0.33 12.65 1.84
CA GLU A 16 -0.18 13.96 1.44
C GLU A 16 0.85 14.87 0.74
N ARG A 17 1.84 14.25 0.08
CA ARG A 17 2.89 15.01 -0.61
C ARG A 17 2.50 15.40 -2.04
N PHE A 18 1.43 16.18 -2.14
CA PHE A 18 0.96 16.64 -3.43
C PHE A 18 2.04 17.47 -4.13
N ASP A 19 2.88 18.14 -3.34
CA ASP A 19 3.99 18.96 -3.88
C ASP A 19 4.98 18.15 -4.69
N LEU A 20 5.03 16.83 -4.45
CA LEU A 20 5.94 15.96 -5.18
C LEU A 20 5.36 15.32 -6.45
N LEU A 21 4.07 15.51 -6.69
CA LEU A 21 3.42 14.89 -7.83
C LEU A 21 3.95 15.38 -9.19
N PRO A 22 4.28 16.69 -9.32
CA PRO A 22 4.93 17.10 -10.57
C PRO A 22 6.18 16.31 -10.94
N LYS A 23 6.99 15.94 -9.95
CA LYS A 23 8.17 15.11 -10.23
C LYS A 23 7.77 13.70 -10.61
N LEU A 24 6.74 13.17 -9.95
CA LEU A 24 6.24 11.84 -10.31
C LEU A 24 5.71 11.83 -11.76
N LYS A 25 4.99 12.88 -12.12
CA LYS A 25 4.52 13.07 -13.49
C LYS A 25 5.67 13.03 -14.49
N GLY A 26 6.78 13.69 -14.14
CA GLY A 26 7.97 13.71 -14.99
C GLY A 26 8.53 12.32 -15.23
N VAL A 27 8.61 11.52 -14.16
CA VAL A 27 9.11 10.15 -14.26
C VAL A 27 8.19 9.32 -15.15
N ILE A 28 6.88 9.51 -14.97
CA ILE A 28 5.89 8.80 -15.78
C ILE A 28 6.08 9.12 -17.28
N ALA A 29 6.31 10.40 -17.59
CA ALA A 29 6.55 10.81 -18.97
C ALA A 29 7.83 10.20 -19.55
N GLU A 30 8.89 10.20 -18.75
CA GLU A 30 10.20 9.69 -19.17
C GLU A 30 10.20 8.17 -19.34
N LYS A 31 9.61 7.47 -18.37
CA LYS A 31 9.78 6.02 -18.27
C LYS A 31 8.58 5.20 -18.74
N GLN A 32 7.44 5.85 -18.92
CA GLN A 32 6.25 5.24 -19.52
C GLN A 32 5.84 3.91 -18.86
N PRO A 33 5.56 3.93 -17.54
CA PRO A 33 5.14 2.69 -16.89
C PRO A 33 3.77 2.24 -17.42
N ASP A 34 3.53 0.95 -17.40
CA ASP A 34 2.22 0.40 -17.76
C ASP A 34 1.24 0.49 -16.60
N ILE A 35 1.76 0.35 -15.37
CA ILE A 35 0.96 0.55 -14.18
C ILE A 35 1.70 1.39 -13.13
N LEU A 36 0.92 2.17 -12.39
CA LEU A 36 1.39 2.89 -11.22
C LEU A 36 0.81 2.22 -10.00
N VAL A 37 1.67 1.92 -9.02
CA VAL A 37 1.23 1.36 -7.75
C VAL A 37 1.50 2.38 -6.65
N VAL A 38 0.45 2.76 -5.93
CA VAL A 38 0.61 3.67 -4.79
C VAL A 38 0.25 2.88 -3.54
N VAL A 39 1.26 2.60 -2.70
CA VAL A 39 1.02 1.97 -1.41
C VAL A 39 0.90 3.08 -0.37
N GLY A 40 -0.01 2.91 0.58
CA GLY A 40 -0.14 3.89 1.65
C GLY A 40 1.13 3.99 2.50
N ASN A 41 1.16 4.90 3.46
CA ASN A 41 0.04 5.77 3.82
C ASN A 41 -0.23 6.86 2.82
N ILE A 42 -1.51 7.03 2.49
CA ILE A 42 -1.97 8.17 1.69
C ILE A 42 -2.08 9.40 2.59
N LEU A 43 -2.74 9.22 3.73
CA LEU A 43 -2.95 10.29 4.71
C LEU A 43 -1.90 10.31 5.82
N LYS A 44 -1.77 11.45 6.47
CA LYS A 44 -1.05 11.55 7.72
C LYS A 44 -1.98 11.07 8.85
N ASN A 45 -3.09 11.78 9.05
CA ASN A 45 -4.18 11.34 9.93
C ASN A 45 -3.72 11.06 11.35
N GLU A 46 -2.87 11.95 11.88
CA GLU A 46 -2.18 11.72 13.14
C GLU A 46 -3.10 11.70 14.35
N ALA A 47 -4.12 12.57 14.34
CA ALA A 47 -5.01 12.70 15.48
C ALA A 47 -5.77 11.41 15.73
N LEU A 48 -6.25 10.77 14.66
CA LEU A 48 -7.00 9.53 14.85
C LEU A 48 -6.11 8.44 15.45
N GLU A 49 -4.89 8.32 14.93
CA GLU A 49 -3.99 7.29 15.41
C GLU A 49 -3.64 7.51 16.88
N LYS A 50 -3.34 8.76 17.22
CA LYS A 50 -2.98 9.09 18.59
C LYS A 50 -4.11 8.80 19.57
N GLU A 51 -5.34 9.13 19.19
CA GLU A 51 -6.48 8.85 20.08
C GLU A 51 -6.64 7.35 20.30
N TYR A 52 -6.54 6.57 19.22
CA TYR A 52 -6.61 5.12 19.31
C TYR A 52 -5.54 4.56 20.24
N GLU A 53 -4.28 4.97 20.05
CA GLU A 53 -3.17 4.44 20.84
C GLU A 53 -3.28 4.87 22.31
N ARG A 54 -3.59 6.15 22.53
CA ARG A 54 -3.76 6.66 23.90
C ARG A 54 -4.89 5.95 24.63
N ALA A 55 -6.01 5.75 23.93
CA ALA A 55 -7.16 5.08 24.54
C ALA A 55 -6.81 3.65 24.93
N HIS A 56 -6.12 2.93 24.05
CA HIS A 56 -5.78 1.56 24.37
C HIS A 56 -4.74 1.44 25.48
N LEU A 57 -3.75 2.33 25.50
CA LEU A 57 -2.79 2.36 26.60
C LEU A 57 -3.44 2.67 27.94
N ALA A 58 -4.44 3.56 27.93
CA ALA A 58 -5.17 3.97 29.15
C ALA A 58 -6.32 3.03 29.49
N ARG A 59 -6.53 2.03 28.62
CA ARG A 59 -7.64 1.08 28.76
C ARG A 59 -8.98 1.81 28.91
N ARG A 60 -9.24 2.72 27.96
CA ARG A 60 -10.51 3.44 27.91
C ARG A 60 -11.10 3.34 26.50
N GLU A 61 -12.39 3.63 26.41
CA GLU A 61 -13.11 3.54 25.14
C GLU A 61 -12.64 4.64 24.18
N PRO A 62 -12.09 4.25 23.01
CA PRO A 62 -11.68 5.29 22.06
C PRO A 62 -12.77 6.30 21.76
N ASN A 63 -12.39 7.57 21.73
CA ASN A 63 -13.33 8.66 21.58
C ASN A 63 -13.66 8.91 20.10
N ARG A 64 -14.83 8.45 19.67
CA ARG A 64 -15.23 8.57 18.27
C ARG A 64 -15.47 10.02 17.83
N LYS A 65 -15.56 10.95 18.79
CA LYS A 65 -15.63 12.37 18.44
C LYS A 65 -14.39 12.80 17.65
N VAL A 66 -13.25 12.16 17.94
CA VAL A 66 -12.01 12.46 17.20
C VAL A 66 -12.15 12.09 15.72
N ILE A 67 -12.82 10.98 15.43
CA ILE A 67 -13.11 10.61 14.04
C ILE A 67 -14.01 11.66 13.41
N HIS A 68 -15.12 11.94 14.08
CA HIS A 68 -16.13 12.83 13.50
C HIS A 68 -15.56 14.23 13.21
N GLU A 69 -14.73 14.75 14.11
CA GLU A 69 -14.19 16.10 13.94
C GLU A 69 -13.09 16.19 12.87
N ASN A 70 -12.58 15.03 12.45
CA ASN A 70 -11.56 14.97 11.41
C ASN A 70 -12.08 14.49 10.06
N GLU A 71 -13.37 14.12 9.99
CA GLU A 71 -13.95 13.57 8.76
C GLU A 71 -13.85 14.52 7.57
N HIS A 72 -14.11 15.81 7.78
CA HIS A 72 -14.05 16.76 6.68
C HIS A 72 -12.65 16.79 6.04
N TYR A 73 -11.61 16.86 6.88
CA TYR A 73 -10.21 16.81 6.42
C TYR A 73 -9.90 15.51 5.69
N ILE A 74 -10.32 14.39 6.26
CA ILE A 74 -10.02 13.07 5.67
C ILE A 74 -10.65 12.96 4.28
N ILE A 75 -11.92 13.33 4.19
CA ILE A 75 -12.65 13.26 2.91
C ILE A 75 -12.06 14.19 1.85
N GLU A 76 -11.80 15.44 2.22
CA GLU A 76 -11.26 16.42 1.28
C GLU A 76 -9.88 15.98 0.78
N THR A 77 -9.07 15.45 1.68
CA THR A 77 -7.70 15.06 1.33
C THR A 77 -7.71 13.81 0.46
N LEU A 78 -8.56 12.84 0.79
CA LEU A 78 -8.68 11.65 -0.06
C LEU A 78 -9.21 11.97 -1.44
N ASP A 79 -10.21 12.86 -1.51
CA ASP A 79 -10.75 13.27 -2.80
C ASP A 79 -9.67 13.93 -3.63
N LYS A 80 -8.85 14.76 -3.00
CA LYS A 80 -7.75 15.43 -3.69
C LYS A 80 -6.71 14.42 -4.18
N PHE A 81 -6.43 13.41 -3.35
CA PHE A 81 -5.52 12.35 -3.75
C PHE A 81 -6.04 11.61 -5.00
N PHE A 82 -7.31 11.19 -4.98
CA PHE A 82 -7.79 10.45 -6.14
C PHE A 82 -7.81 11.30 -7.41
N ARG A 83 -8.15 12.57 -7.27
CA ARG A 83 -8.12 13.47 -8.42
C ARG A 83 -6.70 13.62 -8.97
N GLU A 84 -5.74 13.94 -8.10
CA GLU A 84 -4.39 14.25 -8.57
C GLU A 84 -3.63 13.02 -9.05
N ILE A 85 -3.86 11.88 -8.41
CA ILE A 85 -3.33 10.64 -8.94
C ILE A 85 -4.04 10.25 -10.25
N GLY A 86 -5.37 10.36 -10.27
CA GLY A 86 -6.14 10.04 -11.47
C GLY A 86 -5.68 10.81 -12.69
N GLU A 87 -5.41 12.10 -12.50
CA GLU A 87 -4.96 12.98 -13.59
C GLU A 87 -3.59 12.63 -14.17
N LEU A 88 -2.84 11.77 -13.48
CA LEU A 88 -1.57 11.27 -14.05
C LEU A 88 -1.83 10.34 -15.23
N GLY A 89 -3.03 9.78 -15.28
CA GLY A 89 -3.55 9.09 -16.47
C GLY A 89 -3.09 7.66 -16.70
N VAL A 90 -2.38 7.08 -15.73
CA VAL A 90 -1.87 5.71 -15.82
C VAL A 90 -2.84 4.73 -15.16
N LYS A 91 -2.91 3.49 -15.65
CA LYS A 91 -3.59 2.43 -14.90
C LYS A 91 -2.92 2.35 -13.52
N THR A 92 -3.72 2.46 -12.47
CA THR A 92 -3.19 2.65 -11.12
C THR A 92 -3.86 1.72 -10.13
N PHE A 93 -3.04 1.08 -9.29
CA PHE A 93 -3.55 0.32 -8.15
C PHE A 93 -3.13 1.04 -6.88
N VAL A 94 -4.09 1.19 -5.96
CA VAL A 94 -3.87 1.88 -4.70
C VAL A 94 -4.19 0.91 -3.57
N VAL A 95 -3.30 0.83 -2.57
CA VAL A 95 -3.49 -0.05 -1.41
C VAL A 95 -3.34 0.81 -0.14
N PRO A 96 -4.37 0.83 0.73
CA PRO A 96 -4.34 1.77 1.85
C PRO A 96 -3.34 1.40 2.94
N GLY A 97 -2.83 2.42 3.62
CA GLY A 97 -1.94 2.21 4.75
C GLY A 97 -2.65 2.22 6.10
N LYS A 98 -1.86 2.09 7.16
CA LYS A 98 -2.37 2.12 8.54
C LYS A 98 -3.20 3.39 8.82
N ASN A 99 -2.83 4.51 8.21
CA ASN A 99 -3.49 5.78 8.53
C ASN A 99 -4.63 6.15 7.58
N ASP A 100 -4.97 5.23 6.69
CA ASP A 100 -5.99 5.49 5.68
C ASP A 100 -7.33 4.95 6.16
N ALA A 101 -7.80 5.61 7.20
CA ALA A 101 -8.94 5.17 7.99
C ALA A 101 -9.79 6.40 8.34
N PRO A 102 -11.09 6.19 8.62
CA PRO A 102 -11.82 4.92 8.62
C PRO A 102 -11.87 4.24 7.24
N LEU A 103 -11.78 2.91 7.24
CA LEU A 103 -11.87 2.18 5.97
C LEU A 103 -13.13 2.53 5.20
N LYS A 104 -14.26 2.65 5.89
CA LYS A 104 -15.53 2.95 5.23
C LYS A 104 -15.46 4.29 4.46
N ILE A 105 -14.76 5.27 5.03
CA ILE A 105 -14.59 6.57 4.39
C ILE A 105 -13.59 6.48 3.21
N PHE A 106 -12.51 5.72 3.40
CA PHE A 106 -11.56 5.51 2.35
C PHE A 106 -12.22 4.85 1.13
N LEU A 107 -13.03 3.82 1.37
CA LEU A 107 -13.68 3.10 0.28
C LEU A 107 -14.77 3.94 -0.39
N ARG A 108 -15.44 4.80 0.39
CA ARG A 108 -16.39 5.72 -0.21
C ARG A 108 -15.68 6.68 -1.17
N ALA A 109 -14.51 7.18 -0.77
CA ALA A 109 -13.72 8.03 -1.65
C ALA A 109 -13.30 7.29 -2.93
N ALA A 110 -12.90 6.03 -2.76
CA ALA A 110 -12.54 5.19 -3.91
C ALA A 110 -13.72 5.03 -4.85
N TYR A 111 -14.89 4.73 -4.28
CA TYR A 111 -16.12 4.59 -5.06
C TYR A 111 -16.41 5.86 -5.87
N GLU A 112 -16.32 7.01 -5.21
CA GLU A 112 -16.64 8.30 -5.83
C GLU A 112 -15.71 8.66 -6.98
N ALA A 113 -14.50 8.10 -6.92
CA ALA A 113 -13.47 8.39 -7.92
C ALA A 113 -13.66 7.60 -9.22
N GLU A 114 -14.58 6.63 -9.21
CA GLU A 114 -14.70 5.67 -10.31
C GLU A 114 -15.10 6.25 -11.67
N THR A 115 -16.02 7.22 -11.71
CA THR A 115 -16.48 7.74 -13.00
C THR A 115 -15.44 8.65 -13.65
N ALA A 116 -14.86 9.55 -12.87
CA ALA A 116 -13.89 10.49 -13.41
C ALA A 116 -12.54 9.83 -13.63
N TYR A 117 -12.20 8.86 -12.78
CA TYR A 117 -10.86 8.25 -12.84
C TYR A 117 -10.94 6.72 -12.95
N PRO A 118 -11.47 6.21 -14.07
CA PRO A 118 -11.60 4.76 -14.24
C PRO A 118 -10.26 4.04 -14.33
N ASN A 119 -9.17 4.81 -14.40
CA ASN A 119 -7.80 4.26 -14.41
C ASN A 119 -7.37 3.77 -13.03
N ILE A 120 -8.09 4.19 -11.99
CA ILE A 120 -7.73 3.82 -10.61
C ILE A 120 -8.54 2.64 -10.12
N ARG A 121 -7.85 1.68 -9.51
CA ARG A 121 -8.49 0.59 -8.78
C ARG A 121 -7.87 0.47 -7.41
N VAL A 122 -8.68 0.59 -6.37
CA VAL A 122 -8.23 0.32 -5.01
C VAL A 122 -8.30 -1.18 -4.76
N LEU A 123 -7.19 -1.75 -4.28
CA LEU A 123 -7.13 -3.16 -3.93
C LEU A 123 -6.91 -3.31 -2.45
N HIS A 124 -7.93 -3.79 -1.77
CA HIS A 124 -7.82 -4.06 -0.34
C HIS A 124 -8.72 -5.24 0.01
N GLU A 125 -8.09 -6.33 0.42
CA GLU A 125 -8.79 -7.61 0.63
C GLU A 125 -9.46 -8.07 -0.67
N GLY A 126 -8.77 -7.83 -1.78
CA GLY A 126 -9.34 -8.09 -3.09
C GLY A 126 -8.27 -8.15 -4.16
N PHE A 127 -8.73 -8.27 -5.40
CA PHE A 127 -7.87 -8.65 -6.49
C PHE A 127 -8.37 -8.07 -7.78
N ALA A 128 -7.48 -8.00 -8.76
CA ALA A 128 -7.85 -7.61 -10.11
C ALA A 128 -6.93 -8.32 -11.09
N GLY A 129 -7.50 -8.73 -12.23
CA GLY A 129 -6.68 -9.25 -13.32
C GLY A 129 -6.02 -8.10 -14.05
N TRP A 130 -4.84 -8.34 -14.61
CA TRP A 130 -4.14 -7.32 -15.40
C TRP A 130 -3.58 -7.94 -16.68
N ARG A 131 -3.97 -7.34 -17.81
CA ARG A 131 -3.55 -7.76 -19.16
C ARG A 131 -3.72 -9.26 -19.44
N GLY A 132 -4.63 -9.91 -18.73
CA GLY A 132 -4.90 -11.33 -18.91
C GLY A 132 -3.79 -12.28 -18.48
N GLU A 133 -2.72 -11.73 -17.91
CA GLU A 133 -1.54 -12.53 -17.54
C GLU A 133 -1.24 -12.51 -16.04
N PHE A 134 -1.69 -11.48 -15.34
CA PHE A 134 -1.41 -11.35 -13.90
C PHE A 134 -2.68 -11.30 -13.11
N GLU A 135 -2.60 -11.77 -11.87
CA GLU A 135 -3.59 -11.42 -10.85
C GLU A 135 -2.88 -10.52 -9.85
N VAL A 136 -3.47 -9.37 -9.58
CA VAL A 136 -2.90 -8.42 -8.62
C VAL A 136 -3.76 -8.45 -7.36
N ILE A 137 -3.12 -8.77 -6.23
CA ILE A 137 -3.82 -8.88 -4.96
C ILE A 137 -3.34 -7.76 -4.04
N GLY A 138 -4.28 -7.10 -3.38
CA GLY A 138 -3.91 -6.05 -2.41
C GLY A 138 -4.49 -6.32 -1.04
N PHE A 139 -3.70 -6.06 -0.01
CA PHE A 139 -4.20 -6.15 1.36
C PHE A 139 -3.45 -5.09 2.17
N GLY A 140 -4.14 -4.00 2.46
CA GLY A 140 -3.54 -2.86 3.14
C GLY A 140 -3.59 -2.91 4.65
N GLY A 141 -3.20 -1.81 5.27
CA GLY A 141 -3.18 -1.71 6.72
C GLY A 141 -1.97 -2.36 7.36
N LEU A 142 -1.80 -2.12 8.65
CA LEU A 142 -0.71 -2.74 9.41
C LEU A 142 -1.13 -4.16 9.77
N LEU A 143 -0.37 -5.13 9.30
CA LEU A 143 -0.66 -6.54 9.60
C LEU A 143 0.12 -6.90 10.87
N THR A 144 -0.60 -7.49 11.80
CA THR A 144 -0.12 -7.73 13.16
C THR A 144 -0.53 -9.11 13.59
N GLU A 145 -0.04 -9.53 14.76
CA GLU A 145 -0.43 -10.83 15.29
C GLU A 145 -1.85 -10.83 15.83
N HIS A 146 -2.23 -9.77 16.54
CA HIS A 146 -3.47 -9.83 17.32
C HIS A 146 -4.35 -8.56 17.32
N GLU A 147 -3.94 -7.52 16.58
CA GLU A 147 -4.71 -6.26 16.54
C GLU A 147 -5.67 -6.20 15.35
N PHE A 148 -6.87 -5.66 15.58
CA PHE A 148 -7.91 -5.58 14.55
C PHE A 148 -8.66 -4.27 14.74
N GLU A 149 -8.44 -3.33 13.83
CA GLU A 149 -9.09 -2.02 13.87
C GLU A 149 -9.25 -1.48 12.45
N GLU A 150 -10.38 -0.82 12.18
CA GLU A 150 -10.60 -0.23 10.86
C GLU A 150 -11.10 1.20 10.89
N ASP A 151 -11.35 1.76 12.07
CA ASP A 151 -11.90 3.10 12.16
C ASP A 151 -10.87 4.20 12.44
N PHE A 152 -10.09 4.05 13.50
CA PHE A 152 -9.09 5.06 13.84
C PHE A 152 -7.82 4.86 13.05
N VAL A 153 -7.55 3.59 12.71
CA VAL A 153 -6.39 3.15 11.95
C VAL A 153 -6.81 1.87 11.25
N LEU A 154 -5.99 1.40 10.31
CA LEU A 154 -6.20 0.07 9.71
C LEU A 154 -5.15 -0.90 10.25
N LYS A 155 -5.60 -1.82 11.09
CA LYS A 155 -4.75 -2.89 11.63
C LYS A 155 -5.49 -4.22 11.51
N TYR A 156 -4.80 -5.26 11.09
CA TYR A 156 -5.41 -6.58 10.92
C TYR A 156 -4.59 -7.65 11.61
N PRO A 157 -5.26 -8.65 12.19
CA PRO A 157 -4.59 -9.76 12.86
C PRO A 157 -4.34 -10.93 11.92
N ARG A 158 -3.32 -11.73 12.23
CA ARG A 158 -2.92 -12.86 11.40
C ARG A 158 -4.09 -13.75 11.00
N TRP A 159 -4.92 -14.14 11.97
CA TRP A 159 -6.03 -15.05 11.68
C TRP A 159 -6.95 -14.52 10.57
N TYR A 160 -7.21 -13.22 10.62
CA TYR A 160 -8.13 -12.60 9.66
C TYR A 160 -7.50 -12.48 8.27
N VAL A 161 -6.22 -12.10 8.24
CA VAL A 161 -5.50 -12.02 6.97
C VAL A 161 -5.52 -13.39 6.28
N GLU A 162 -5.19 -14.44 7.03
CA GLU A 162 -5.17 -15.79 6.48
C GLU A 162 -6.57 -16.23 6.05
N TYR A 163 -7.58 -15.89 6.84
CA TYR A 163 -8.96 -16.24 6.55
C TYR A 163 -9.44 -15.59 5.25
N ILE A 164 -9.17 -14.30 5.08
CA ILE A 164 -9.61 -13.59 3.89
C ILE A 164 -8.89 -14.09 2.64
N LEU A 165 -7.58 -14.32 2.77
CA LEU A 165 -6.75 -14.63 1.60
C LEU A 165 -6.94 -16.04 1.06
N LYS A 166 -7.84 -16.81 1.68
CA LYS A 166 -8.24 -18.10 1.12
C LYS A 166 -8.81 -17.96 -0.30
N PHE A 167 -9.22 -16.75 -0.68
CA PHE A 167 -9.79 -16.51 -2.01
C PHE A 167 -8.78 -16.71 -3.14
N VAL A 168 -7.50 -16.54 -2.84
CA VAL A 168 -6.46 -16.61 -3.86
C VAL A 168 -6.49 -17.95 -4.61
N ASN A 169 -6.70 -19.03 -3.87
CA ASN A 169 -6.81 -20.39 -4.43
C ASN A 169 -8.06 -20.64 -5.30
N GLU A 170 -8.96 -19.68 -5.33
CA GLU A 170 -10.19 -19.79 -6.11
C GLU A 170 -10.06 -19.02 -7.43
N LEU A 171 -8.95 -18.29 -7.58
CA LEU A 171 -8.76 -17.41 -8.73
C LEU A 171 -8.20 -18.12 -9.96
N LYS A 172 -8.38 -17.48 -11.11
CA LYS A 172 -7.75 -17.91 -12.36
C LYS A 172 -6.24 -18.04 -12.15
N PRO A 173 -5.66 -19.19 -12.57
CA PRO A 173 -4.23 -19.41 -12.42
C PRO A 173 -3.40 -18.47 -13.30
N ARG A 174 -2.71 -17.52 -12.67
CA ARG A 174 -1.93 -16.50 -13.36
C ARG A 174 -0.70 -16.14 -12.54
N ARG A 175 0.16 -15.30 -13.10
CA ARG A 175 1.31 -14.78 -12.37
C ARG A 175 0.81 -13.83 -11.28
N LEU A 176 1.25 -14.06 -10.05
CA LEU A 176 0.68 -13.35 -8.91
C LEU A 176 1.57 -12.20 -8.46
N VAL A 177 0.97 -11.02 -8.36
CA VAL A 177 1.62 -9.85 -7.79
C VAL A 177 0.82 -9.45 -6.56
N THR A 178 1.48 -9.40 -5.40
CA THR A 178 0.81 -9.00 -4.16
C THR A 178 1.33 -7.65 -3.72
N ILE A 179 0.42 -6.83 -3.20
CA ILE A 179 0.77 -5.49 -2.74
C ILE A 179 0.26 -5.34 -1.33
N PHE A 180 1.18 -5.08 -0.39
CA PHE A 180 0.85 -4.95 1.02
C PHE A 180 1.41 -3.65 1.55
N TYR A 181 0.68 -2.99 2.46
CA TYR A 181 1.29 -1.90 3.20
C TYR A 181 2.45 -2.44 4.06
N THR A 182 2.21 -3.56 4.73
CA THR A 182 3.17 -4.13 5.66
C THR A 182 4.18 -5.02 4.93
N PRO A 183 5.50 -4.75 5.13
CA PRO A 183 6.50 -5.61 4.54
C PRO A 183 6.80 -6.86 5.40
N PRO A 184 7.38 -7.89 4.78
CA PRO A 184 7.86 -9.02 5.56
C PRO A 184 9.16 -8.67 6.26
N ILE A 185 9.54 -9.50 7.24
CA ILE A 185 10.88 -9.44 7.82
C ILE A 185 11.92 -9.76 6.75
N GLY A 186 12.86 -8.86 6.55
CA GLY A 186 13.91 -9.04 5.56
C GLY A 186 15.14 -8.23 5.90
N GLU A 187 16.22 -8.47 5.17
CA GLU A 187 17.46 -7.74 5.42
C GLU A 187 17.31 -6.24 5.17
N PHE A 188 16.54 -5.90 4.14
CA PHE A 188 16.41 -4.52 3.69
C PHE A 188 14.97 -4.04 3.65
N VAL A 189 14.06 -4.94 3.28
CA VAL A 189 12.70 -4.52 2.93
C VAL A 189 11.85 -4.04 4.10
N ASP A 190 12.28 -4.31 5.33
CA ASP A 190 11.57 -3.79 6.50
C ASP A 190 12.49 -3.05 7.48
N ARG A 191 13.61 -2.55 6.94
CA ARG A 191 14.60 -1.87 7.76
C ARG A 191 15.13 -0.59 7.13
N THR A 192 15.69 0.27 7.99
CA THR A 192 16.47 1.43 7.58
C THR A 192 17.83 1.30 8.28
N PRO A 193 18.83 2.07 7.82
CA PRO A 193 20.13 2.07 8.52
C PRO A 193 20.12 2.63 9.95
N GLU A 194 19.03 3.29 10.35
CA GLU A 194 18.94 3.96 11.66
C GLU A 194 18.79 3.05 12.87
N ASP A 195 18.27 1.84 12.64
CA ASP A 195 18.22 0.82 13.67
C ASP A 195 18.24 -0.56 13.02
N PRO A 196 18.88 -1.54 13.68
CA PRO A 196 18.89 -2.91 13.15
C PRO A 196 17.55 -3.62 13.34
N LYS A 197 16.60 -2.95 13.98
CA LYS A 197 15.30 -3.56 14.27
C LYS A 197 14.49 -3.74 13.01
N HIS A 198 13.75 -4.84 12.97
CA HIS A 198 12.83 -5.10 11.89
C HIS A 198 11.50 -4.42 12.16
N HIS A 199 10.93 -3.80 11.13
CA HIS A 199 9.69 -3.06 11.30
C HIS A 199 8.52 -3.67 10.55
N GLY A 200 8.76 -4.80 9.90
CA GLY A 200 7.71 -5.51 9.19
C GLY A 200 6.99 -6.51 10.08
N SER A 201 6.39 -7.51 9.45
CA SER A 201 5.65 -8.52 10.20
C SER A 201 5.88 -9.91 9.66
N ALA A 202 6.07 -10.86 10.58
CA ALA A 202 6.14 -12.28 10.26
C ALA A 202 4.87 -12.75 9.57
N VAL A 203 3.77 -12.01 9.77
CA VAL A 203 2.51 -12.36 9.11
C VAL A 203 2.73 -12.32 7.60
N VAL A 204 3.50 -11.35 7.12
CA VAL A 204 3.72 -11.20 5.70
C VAL A 204 4.67 -12.28 5.17
N ASN A 205 5.69 -12.66 5.94
CA ASN A 205 6.51 -13.80 5.52
C ASN A 205 5.63 -15.03 5.36
N THR A 206 4.67 -15.16 6.27
CA THR A 206 3.76 -16.29 6.27
C THR A 206 2.82 -16.25 5.05
N ILE A 207 2.25 -15.09 4.76
CA ILE A 207 1.42 -14.90 3.55
C ILE A 207 2.21 -15.25 2.30
N ILE A 208 3.45 -14.78 2.24
CA ILE A 208 4.30 -15.03 1.09
C ILE A 208 4.57 -16.53 0.94
N LYS A 209 4.82 -17.21 2.05
CA LYS A 209 5.01 -18.66 2.03
C LYS A 209 3.75 -19.37 1.55
N SER A 210 2.61 -18.93 2.07
CA SER A 210 1.31 -19.54 1.73
C SER A 210 0.91 -19.33 0.26
N LEU A 211 1.04 -18.10 -0.22
CA LEU A 211 0.56 -17.73 -1.55
C LEU A 211 1.61 -17.91 -2.66
N ASN A 212 2.89 -17.88 -2.27
CA ASN A 212 4.01 -17.99 -3.21
C ASN A 212 3.90 -17.05 -4.42
N PRO A 213 3.73 -15.74 -4.16
CA PRO A 213 3.57 -14.82 -5.28
C PRO A 213 4.90 -14.62 -6.01
N GLU A 214 4.82 -14.21 -7.27
CA GLU A 214 6.05 -13.91 -8.03
C GLU A 214 6.75 -12.67 -7.48
N VAL A 215 5.95 -11.65 -7.19
CA VAL A 215 6.46 -10.35 -6.74
C VAL A 215 5.56 -9.85 -5.62
N ALA A 216 6.18 -9.23 -4.62
CA ALA A 216 5.43 -8.51 -3.60
C ALA A 216 5.95 -7.08 -3.51
N ILE A 217 5.04 -6.12 -3.61
CA ILE A 217 5.38 -4.70 -3.47
C ILE A 217 4.87 -4.25 -2.10
N VAL A 218 5.73 -3.65 -1.29
CA VAL A 218 5.43 -3.43 0.12
C VAL A 218 5.77 -2.00 0.57
N GLY A 219 5.22 -1.58 1.70
CA GLY A 219 5.34 -0.20 2.17
C GLY A 219 5.85 -0.03 3.59
N HIS A 220 5.12 0.75 4.39
CA HIS A 220 5.48 1.03 5.79
C HIS A 220 6.97 1.45 5.85
N VAL A 221 7.75 0.84 6.73
CA VAL A 221 9.16 1.17 6.86
C VAL A 221 10.01 0.16 6.09
N GLY A 222 10.95 0.67 5.29
CA GLY A 222 11.90 -0.17 4.57
C GLY A 222 12.25 0.37 3.20
N LYS A 223 13.29 -0.21 2.61
CA LYS A 223 13.72 0.15 1.26
C LYS A 223 14.65 -0.93 0.75
N GLY A 224 14.35 -1.47 -0.42
CA GLY A 224 15.22 -2.45 -1.03
C GLY A 224 14.47 -3.47 -1.82
N HIS A 225 15.21 -4.47 -2.30
CA HIS A 225 14.59 -5.62 -2.94
C HIS A 225 15.40 -6.84 -2.58
N GLU A 226 14.69 -7.94 -2.35
CA GLU A 226 15.32 -9.19 -1.95
C GLU A 226 14.33 -10.34 -2.08
N LEU A 227 14.87 -11.56 -2.09
CA LEU A 227 14.03 -12.75 -2.09
C LEU A 227 13.53 -13.08 -0.69
N VAL A 228 12.22 -13.29 -0.55
CA VAL A 228 11.67 -13.85 0.66
C VAL A 228 10.97 -15.13 0.19
N GLY A 229 11.50 -16.27 0.62
CA GLY A 229 11.10 -17.55 0.03
C GLY A 229 11.50 -17.51 -1.43
N ASN A 230 10.52 -17.68 -2.32
CA ASN A 230 10.74 -17.61 -3.77
C ASN A 230 10.26 -16.29 -4.39
N THR A 231 9.77 -15.39 -3.54
CA THR A 231 9.15 -14.15 -3.98
C THR A 231 10.14 -12.99 -3.99
N ILE A 232 10.15 -12.22 -5.08
CA ILE A 232 10.90 -10.96 -5.12
C ILE A 232 10.08 -9.91 -4.40
N VAL A 233 10.61 -9.41 -3.29
CA VAL A 233 9.93 -8.39 -2.50
C VAL A 233 10.61 -7.04 -2.75
N VAL A 234 9.79 -6.04 -3.09
CA VAL A 234 10.28 -4.71 -3.41
C VAL A 234 9.63 -3.69 -2.50
N ASN A 235 10.46 -2.99 -1.73
CA ASN A 235 9.99 -1.83 -0.97
C ASN A 235 10.61 -0.59 -1.62
N PRO A 236 9.78 0.25 -2.23
CA PRO A 236 10.31 1.39 -3.00
C PRO A 236 11.12 2.41 -2.21
N GLY A 237 10.97 2.42 -0.89
CA GLY A 237 11.55 3.48 -0.06
C GLY A 237 10.60 4.66 -0.01
N GLU A 238 11.00 5.70 0.73
CA GLU A 238 10.06 6.77 1.09
C GLU A 238 9.83 7.77 -0.03
N PHE A 239 8.56 7.93 -0.42
CA PHE A 239 8.19 8.98 -1.36
C PHE A 239 8.66 10.38 -0.91
N GLU A 240 8.66 10.63 0.41
CA GLU A 240 9.15 11.91 0.98
C GLU A 240 10.63 12.16 0.70
N GLU A 241 11.36 11.08 0.45
CA GLU A 241 12.78 11.19 0.12
C GLU A 241 12.97 11.29 -1.39
N GLY A 242 11.87 11.38 -2.12
CA GLY A 242 11.91 11.39 -3.59
C GLY A 242 12.14 10.03 -4.21
N ARG A 243 11.89 8.97 -3.44
CA ARG A 243 12.19 7.62 -3.88
C ARG A 243 11.00 6.92 -4.52
N TYR A 244 11.31 6.05 -5.48
CA TYR A 244 10.31 5.18 -6.11
C TYR A 244 11.02 3.92 -6.62
N ALA A 245 10.23 2.92 -6.97
CA ALA A 245 10.79 1.72 -7.61
C ALA A 245 10.24 1.59 -9.02
N PHE A 246 11.06 1.02 -9.91
CA PHE A 246 10.63 0.77 -11.27
C PHE A 246 10.93 -0.68 -11.61
N LEU A 247 9.88 -1.42 -11.96
CA LEU A 247 9.96 -2.86 -12.17
C LEU A 247 9.62 -3.19 -13.61
N ASP A 248 10.39 -4.08 -14.22
CA ASP A 248 10.00 -4.68 -15.48
C ASP A 248 9.70 -6.16 -15.20
N LEU A 249 8.42 -6.52 -15.23
CA LEU A 249 7.99 -7.87 -14.87
C LEU A 249 8.32 -8.88 -15.95
N THR A 250 8.57 -8.40 -17.17
CA THR A 250 8.87 -9.31 -18.28
C THR A 250 10.29 -9.86 -18.15
N GLN A 251 11.23 -8.97 -17.87
CA GLN A 251 12.63 -9.38 -17.74
C GLN A 251 13.13 -9.42 -16.31
N HIS A 252 12.24 -9.18 -15.35
CA HIS A 252 12.58 -9.15 -13.93
C HIS A 252 13.73 -8.16 -13.62
N LYS A 253 13.63 -6.97 -14.22
CA LYS A 253 14.54 -5.88 -13.91
C LYS A 253 13.92 -5.07 -12.77
N ILE A 254 14.67 -4.87 -11.69
CA ILE A 254 14.20 -4.07 -10.55
C ILE A 254 15.18 -2.94 -10.29
N LYS A 255 14.67 -1.70 -10.26
CA LYS A 255 15.49 -0.54 -9.99
C LYS A 255 14.87 0.29 -8.88
N LEU A 256 15.67 0.62 -7.88
CA LEU A 256 15.25 1.58 -6.85
C LEU A 256 15.88 2.91 -7.19
N GLU A 257 15.03 3.89 -7.48
CA GLU A 257 15.48 5.17 -7.99
C GLU A 257 15.03 6.32 -7.11
N GLN A 258 15.53 7.51 -7.44
CA GLN A 258 15.19 8.72 -6.73
C GLN A 258 15.06 9.83 -7.77
N PHE A 259 14.12 10.75 -7.56
CA PHE A 259 14.02 11.92 -8.44
C PHE A 259 15.39 12.57 -8.59
N SER A 260 15.70 13.00 -9.81
CA SER A 260 16.97 13.67 -10.03
C SER A 260 16.79 15.04 -10.65
#